data_5D0R
#
_entry.id   5D0R
#
_cell.length_a   99.403
_cell.length_b   99.403
_cell.length_c   99.978
_cell.angle_alpha   90.000
_cell.angle_beta   90.000
_cell.angle_gamma   120.000
#
_symmetry.space_group_name_H-M   'P 63'
#
loop_
_entity.id
_entity.type
_entity.pdbx_description
1 polymer 'Adenylate cyclase type 10'
2 non-polymer "2,2'-sulfanediylbis(4,6-dichlorophenol)"
3 non-polymer 'ACETATE ION'
4 non-polymer 1,2-ETHANEDIOL
5 non-polymer 'DIMETHYL SULFOXIDE'
6 non-polymer GLYCEROL
7 water water
#
_entity_poly.entity_id   1
_entity_poly.type   'polypeptide(L)'
_entity_poly.pdbx_seq_one_letter_code
;MNTPKEEFQDWPIVRIAAHLPDLIVYGHFSPERPFMDYFDGVLMFVDISGFTAMTEKFSSAMYMDRGAEQLVEILNYHIS
AIVEKVLIFGGDILKFAGDALLALWRVERKQLKNIITVVIKCSLEIHGLFETQEWEEGLDIRVKIGLAAGHISMLVFGDE
THSHFLVIGQAVDDVRLAQNMAQMNDVILSPNCWQLCDRSMIEIESVPDQRAVKVNFLKPPPNFNFDEFFTKCTTFMHYY
PSGEHKNLLRLA(CME)TLKPDPELEMSLQKYVMESILKQIDNKQLQGYLSELRPVTIVFVNLMFEDQDKAEEIGPAIQD
AYMHITSVLKIFQGQINKVFMFDKGCSFLCVFGFPGEKVPDELTHALECAMDIFDFCSQVHKIQTVSIGVASGIVFCGIV
GHTVRHEYTVIGQKVNLAARMMMYYPGIVTCDSVTYNGSNLPAYFFKELPKKVMKGVADSGPLYQYWGRTEKVHHHHHH
;
_entity_poly.pdbx_strand_id   A
#
loop_
_chem_comp.id
_chem_comp.type
_chem_comp.name
_chem_comp.formula
ACT non-polymer 'ACETATE ION' 'C2 H3 O2 -1'
B1T non-polymer 2,2'-sulfanediylbis(4,6-dichlorophenol) 'C12 H6 Cl4 O2 S'
DMS non-polymer 'DIMETHYL SULFOXIDE' 'C2 H6 O S'
EDO non-polymer 1,2-ETHANEDIOL 'C2 H6 O2'
GOL non-polymer GLYCEROL 'C3 H8 O3'
#
# COMPACT_ATOMS: atom_id res chain seq x y z
N GLU A 7 24.11 -16.91 -15.85
CA GLU A 7 24.27 -15.77 -14.89
C GLU A 7 23.60 -16.08 -13.53
N PHE A 8 24.41 -16.08 -12.46
CA PHE A 8 23.92 -16.25 -11.07
C PHE A 8 23.22 -14.96 -10.68
N GLN A 9 22.06 -15.11 -10.08
CA GLN A 9 21.30 -13.93 -9.66
C GLN A 9 20.71 -14.02 -8.25
N ASP A 10 21.02 -15.01 -7.43
CA ASP A 10 20.27 -15.17 -6.16
C ASP A 10 21.07 -14.58 -4.97
N TRP A 11 21.64 -13.43 -5.20
CA TRP A 11 22.42 -12.77 -4.15
C TRP A 11 21.46 -12.10 -3.16
N PRO A 12 21.88 -11.94 -1.90
CA PRO A 12 21.02 -11.28 -0.97
C PRO A 12 20.52 -9.91 -1.47
N ILE A 13 21.39 -9.15 -2.13
CA ILE A 13 20.99 -7.80 -2.59
C ILE A 13 19.80 -7.82 -3.56
N VAL A 14 19.75 -8.86 -4.38
CA VAL A 14 18.74 -9.06 -5.34
C VAL A 14 17.42 -9.50 -4.63
N ARG A 15 17.52 -10.40 -3.66
CA ARG A 15 16.39 -10.74 -2.84
C ARG A 15 15.80 -9.57 -2.10
N ILE A 16 16.63 -8.76 -1.50
CA ILE A 16 16.14 -7.50 -0.94
C ILE A 16 15.41 -6.60 -1.92
N ALA A 17 15.99 -6.33 -3.05
CA ALA A 17 15.37 -5.51 -4.08
C ALA A 17 14.04 -6.03 -4.58
N ALA A 18 13.73 -7.35 -4.45
CA ALA A 18 12.36 -7.80 -4.76
C ALA A 18 11.27 -7.02 -3.98
N HIS A 19 11.59 -6.62 -2.74
CA HIS A 19 10.68 -5.88 -1.88
C HIS A 19 10.51 -4.41 -2.13
N LEU A 20 11.24 -3.88 -3.11
CA LEU A 20 11.31 -2.50 -3.36
C LEU A 20 11.05 -2.14 -4.84
N PRO A 21 10.47 -0.96 -5.10
CA PRO A 21 10.39 -0.52 -6.52
C PRO A 21 11.70 0.05 -6.97
N ASP A 22 11.80 0.16 -8.29
CA ASP A 22 12.96 0.73 -8.90
C ASP A 22 13.24 2.18 -8.44
N LEU A 23 12.12 2.86 -8.16
CA LEU A 23 12.17 4.18 -7.59
C LEU A 23 13.09 4.31 -6.37
N ILE A 24 13.20 3.22 -5.57
CA ILE A 24 14.10 3.20 -4.50
C ILE A 24 15.41 2.53 -4.86
N VAL A 25 15.30 1.37 -5.47
CA VAL A 25 16.46 0.52 -5.83
C VAL A 25 17.47 1.30 -6.62
N TYR A 26 17.00 2.05 -7.60
CA TYR A 26 17.93 2.84 -8.45
C TYR A 26 17.98 4.34 -8.13
N GLY A 27 17.42 4.80 -6.99
CA GLY A 27 17.62 6.18 -6.50
C GLY A 27 19.01 6.45 -5.94
N HIS A 28 19.32 7.74 -5.72
CA HIS A 28 20.55 8.27 -5.06
C HIS A 28 20.27 9.38 -4.09
N PHE A 29 19.79 9.03 -2.95
CA PHE A 29 19.28 10.00 -2.05
C PHE A 29 20.47 10.40 -1.22
N SER A 30 20.52 11.68 -0.96
CA SER A 30 21.26 12.23 0.14
C SER A 30 20.88 11.53 1.42
N PRO A 31 21.72 11.73 2.44
CA PRO A 31 21.43 11.18 3.74
C PRO A 31 20.33 11.95 4.47
N GLU A 32 20.03 13.21 4.12
CA GLU A 32 19.09 13.99 4.92
C GLU A 32 17.67 13.33 4.98
N ARG A 33 17.05 13.53 6.15
CA ARG A 33 15.72 13.10 6.33
C ARG A 33 14.94 14.27 6.91
N PRO A 34 13.80 14.62 6.35
CA PRO A 34 13.21 13.95 5.16
C PRO A 34 14.00 14.26 3.95
N PHE A 35 13.77 13.51 2.88
CA PHE A 35 14.35 13.74 1.56
C PHE A 35 13.20 13.81 0.58
N MET A 36 13.17 14.83 -0.30
CA MET A 36 12.08 15.06 -1.21
C MET A 36 12.60 15.05 -2.63
N ASP A 37 11.83 14.55 -3.57
CA ASP A 37 12.23 14.58 -4.97
C ASP A 37 10.90 14.76 -5.73
N TYR A 38 10.95 15.35 -6.94
CA TYR A 38 9.78 15.84 -7.72
C TYR A 38 9.92 15.34 -9.14
N PHE A 39 8.91 14.79 -9.74
CA PHE A 39 8.96 14.33 -11.12
C PHE A 39 7.55 14.27 -11.69
N ASP A 40 7.37 13.72 -12.88
CA ASP A 40 6.07 13.49 -13.47
C ASP A 40 5.88 12.04 -13.86
N GLY A 41 4.64 11.60 -13.91
CA GLY A 41 4.39 10.28 -14.40
C GLY A 41 2.94 9.95 -14.43
N VAL A 42 2.67 8.68 -14.68
CA VAL A 42 1.37 8.15 -14.64
C VAL A 42 1.25 7.12 -13.54
N LEU A 43 0.16 7.16 -12.82
CA LEU A 43 -0.12 6.14 -11.82
C LEU A 43 -1.26 5.21 -12.15
N MET A 44 -1.13 3.96 -11.74
CA MET A 44 -2.18 2.95 -11.82
C MET A 44 -2.45 2.36 -10.45
N PHE A 45 -3.67 2.54 -9.97
CA PHE A 45 -4.08 2.01 -8.69
C PHE A 45 -5.05 0.91 -9.02
N VAL A 46 -4.70 -0.32 -8.66
CA VAL A 46 -5.47 -1.51 -8.98
C VAL A 46 -6.05 -2.16 -7.73
N ASP A 47 -7.30 -2.58 -7.82
CA ASP A 47 -8.09 -3.18 -6.68
C ASP A 47 -8.73 -4.48 -7.16
N ILE A 48 -8.59 -5.57 -6.42
CA ILE A 48 -9.30 -6.84 -6.74
C ILE A 48 -10.56 -7.01 -5.86
N SER A 49 -11.62 -7.38 -6.55
CA SER A 49 -12.94 -7.68 -5.94
C SER A 49 -12.95 -8.93 -5.09
N GLY A 50 -14.14 -9.23 -4.55
CA GLY A 50 -14.49 -10.56 -4.02
C GLY A 50 -13.63 -10.98 -2.83
N PHE A 51 -13.11 -10.00 -2.10
CA PHE A 51 -11.94 -10.22 -1.28
C PHE A 51 -12.03 -10.19 0.24
N THR A 52 -12.85 -9.32 0.81
CA THR A 52 -13.28 -9.54 2.20
C THR A 52 -13.89 -11.01 2.31
N ALA A 53 -14.76 -11.38 1.36
CA ALA A 53 -15.24 -12.75 1.13
C ALA A 53 -14.17 -13.92 1.24
N MET A 54 -12.93 -13.67 0.81
CA MET A 54 -11.86 -14.68 0.90
C MET A 54 -11.30 -14.83 2.30
N THR A 55 -10.95 -13.70 2.87
CA THR A 55 -10.48 -13.61 4.23
C THR A 55 -11.43 -14.41 5.19
N GLU A 56 -12.75 -14.25 5.00
CA GLU A 56 -13.76 -15.07 5.69
C GLU A 56 -13.64 -16.55 5.31
N LYS A 57 -13.70 -16.87 4.01
CA LYS A 57 -13.61 -18.27 3.54
C LYS A 57 -12.46 -18.96 4.24
N PHE A 58 -11.29 -18.36 4.10
CA PHE A 58 -10.03 -18.92 4.61
C PHE A 58 -9.80 -18.93 6.08
N SER A 59 -10.61 -18.22 6.84
CA SER A 59 -10.50 -18.20 8.37
C SER A 59 -11.33 -19.32 9.02
N SER A 60 -12.38 -19.75 8.31
CA SER A 60 -13.14 -20.98 8.61
C SER A 60 -12.37 -22.31 8.91
N ALA A 61 -12.98 -23.17 9.76
CA ALA A 61 -12.37 -24.43 10.12
C ALA A 61 -12.26 -25.42 8.97
N MET A 62 -12.95 -25.15 7.86
CA MET A 62 -12.88 -26.00 6.69
C MET A 62 -11.42 -26.07 6.09
N TYR A 63 -10.60 -25.04 6.37
CA TYR A 63 -9.26 -24.97 5.86
C TYR A 63 -8.21 -25.66 6.74
N MET A 64 -8.68 -26.27 7.82
CA MET A 64 -7.93 -27.23 8.67
C MET A 64 -6.61 -26.69 9.05
N ASP A 65 -6.55 -25.45 9.51
CA ASP A 65 -5.21 -24.93 9.85
C ASP A 65 -4.20 -24.65 8.74
N ARG A 66 -4.60 -24.79 7.47
CA ARG A 66 -3.74 -24.28 6.36
C ARG A 66 -4.41 -23.10 5.63
N GLY A 67 -5.28 -22.40 6.34
CA GLY A 67 -5.93 -21.18 5.89
C GLY A 67 -5.01 -20.09 5.38
N ALA A 68 -4.00 -19.71 6.17
CA ALA A 68 -3.04 -18.70 5.71
C ALA A 68 -2.28 -19.16 4.49
N GLU A 69 -1.95 -20.46 4.45
CA GLU A 69 -1.22 -20.93 3.36
C GLU A 69 -2.00 -20.90 2.03
N GLN A 70 -3.22 -21.38 2.10
CA GLN A 70 -4.06 -21.41 0.94
C GLN A 70 -4.46 -20.02 0.42
N LEU A 71 -4.65 -19.09 1.36
CA LEU A 71 -4.91 -17.72 1.02
C LEU A 71 -3.70 -17.12 0.29
N VAL A 72 -2.53 -17.29 0.87
CA VAL A 72 -1.39 -16.67 0.23
C VAL A 72 -1.20 -17.23 -1.16
N GLU A 73 -1.44 -18.51 -1.32
CA GLU A 73 -1.31 -19.14 -2.57
C GLU A 73 -2.24 -18.63 -3.66
N ILE A 74 -3.55 -18.63 -3.35
CA ILE A 74 -4.55 -18.25 -4.34
C ILE A 74 -4.37 -16.78 -4.66
N LEU A 75 -4.03 -16.01 -3.64
CA LEU A 75 -3.75 -14.62 -3.87
C LEU A 75 -2.58 -14.30 -4.81
N ASN A 76 -1.45 -14.92 -4.58
CA ASN A 76 -0.28 -14.68 -5.36
C ASN A 76 -0.43 -15.16 -6.78
N TYR A 77 -1.28 -16.16 -6.97
CA TYR A 77 -1.58 -16.68 -8.21
C TYR A 77 -2.21 -15.57 -9.08
N HIS A 78 -3.18 -14.88 -8.54
CA HIS A 78 -3.83 -13.79 -9.27
C HIS A 78 -3.00 -12.50 -9.29
N ILE A 79 -2.50 -12.09 -8.15
CA ILE A 79 -1.64 -10.93 -8.11
C ILE A 79 -0.35 -11.03 -8.89
N SER A 80 0.30 -12.19 -8.90
CA SER A 80 1.50 -12.22 -9.60
C SER A 80 1.23 -12.09 -11.14
N ALA A 81 0.06 -12.48 -11.60
CA ALA A 81 -0.34 -12.23 -13.05
C ALA A 81 -0.50 -10.77 -13.35
N ILE A 82 -0.99 -10.02 -12.37
CA ILE A 82 -1.11 -8.57 -12.51
C ILE A 82 0.27 -7.91 -12.55
N VAL A 83 1.14 -8.40 -11.68
CA VAL A 83 2.46 -7.87 -11.59
C VAL A 83 3.22 -8.10 -12.90
N GLU A 84 3.13 -9.27 -13.52
CA GLU A 84 3.88 -9.51 -14.74
C GLU A 84 3.48 -8.53 -15.85
N LYS A 85 2.20 -8.22 -15.95
CA LYS A 85 1.70 -7.27 -16.93
C LYS A 85 2.21 -5.92 -16.78
N VAL A 86 2.07 -5.43 -15.57
CA VAL A 86 2.61 -4.14 -15.24
C VAL A 86 4.07 -4.02 -15.64
N LEU A 87 4.87 -5.00 -15.25
CA LEU A 87 6.27 -5.01 -15.57
C LEU A 87 6.61 -5.03 -17.09
N ILE A 88 6.05 -5.99 -17.80
CA ILE A 88 6.14 -6.10 -19.27
C ILE A 88 5.73 -4.80 -20.01
N PHE A 89 4.75 -4.08 -19.48
CA PHE A 89 4.32 -2.74 -19.97
C PHE A 89 5.17 -1.57 -19.49
N GLY A 90 6.28 -1.89 -18.81
CA GLY A 90 7.32 -0.96 -18.40
C GLY A 90 6.99 -0.20 -17.09
N GLY A 91 6.04 -0.69 -16.27
CA GLY A 91 5.76 -0.01 -14.99
C GLY A 91 6.63 -0.49 -13.81
N ASP A 92 6.63 0.35 -12.79
CA ASP A 92 7.29 0.13 -11.61
C ASP A 92 6.26 -0.06 -10.51
N ILE A 93 6.23 -1.22 -9.84
CA ILE A 93 5.21 -1.44 -8.80
C ILE A 93 5.68 -0.81 -7.48
N LEU A 94 5.02 0.22 -7.05
CA LEU A 94 5.43 0.93 -5.89
C LEU A 94 5.17 0.26 -4.55
N LYS A 95 4.01 -0.33 -4.38
CA LYS A 95 3.48 -0.65 -3.03
C LYS A 95 2.34 -1.72 -3.25
N PHE A 96 2.25 -2.71 -2.35
CA PHE A 96 1.14 -3.58 -2.29
C PHE A 96 0.55 -3.41 -0.91
N ALA A 97 -0.72 -3.68 -0.79
CA ALA A 97 -1.38 -3.92 0.50
C ALA A 97 -2.66 -4.63 0.16
N GLY A 98 -2.78 -5.89 0.59
CA GLY A 98 -4.04 -6.56 0.60
C GLY A 98 -4.47 -6.98 -0.79
N ASP A 99 -5.63 -6.43 -1.23
CA ASP A 99 -6.19 -6.70 -2.59
C ASP A 99 -5.69 -5.70 -3.69
N ALA A 100 -4.88 -4.69 -3.29
CA ALA A 100 -4.53 -3.49 -4.05
C ALA A 100 -3.02 -3.35 -4.27
N LEU A 101 -2.63 -2.78 -5.41
CA LEU A 101 -1.27 -2.37 -5.65
C LEU A 101 -1.20 -1.08 -6.48
N LEU A 102 -0.09 -0.34 -6.29
CA LEU A 102 0.13 0.96 -6.90
C LEU A 102 1.28 0.84 -7.84
N ALA A 103 1.12 1.31 -9.08
CA ALA A 103 2.21 1.32 -10.07
C ALA A 103 2.41 2.67 -10.70
N LEU A 104 3.65 2.88 -11.14
CA LEU A 104 4.17 4.16 -11.63
C LEU A 104 4.98 3.95 -12.91
N TRP A 105 4.66 4.81 -13.86
CA TRP A 105 5.42 5.04 -15.14
C TRP A 105 5.88 6.50 -15.06
N ARG A 106 7.06 6.67 -14.51
CA ARG A 106 7.74 7.93 -14.38
C ARG A 106 8.34 8.35 -15.70
N VAL A 107 7.90 9.46 -16.25
CA VAL A 107 8.39 9.96 -17.53
C VAL A 107 8.54 11.46 -17.44
N GLU A 108 9.35 11.95 -18.36
CA GLU A 108 9.36 13.34 -18.74
C GLU A 108 8.02 13.78 -19.24
N ARG A 109 7.77 15.06 -19.06
CA ARG A 109 6.49 15.67 -19.29
C ARG A 109 5.99 15.55 -20.77
N LYS A 110 6.87 15.59 -21.77
CA LYS A 110 6.54 15.36 -23.22
C LYS A 110 6.09 13.95 -23.48
N GLN A 111 6.56 13.00 -22.67
CA GLN A 111 6.17 11.63 -22.92
C GLN A 111 4.87 11.22 -22.26
N LEU A 112 4.26 12.04 -21.41
CA LEU A 112 3.01 11.63 -20.70
C LEU A 112 1.85 11.15 -21.58
N LYS A 113 1.54 11.94 -22.58
CA LYS A 113 0.53 11.57 -23.56
C LYS A 113 0.67 10.12 -24.06
N ASN A 114 1.85 9.78 -24.56
CA ASN A 114 2.09 8.44 -25.14
C ASN A 114 2.13 7.34 -24.14
N ILE A 115 2.72 7.63 -22.99
CA ILE A 115 2.73 6.69 -21.85
C ILE A 115 1.32 6.43 -21.30
N ILE A 116 0.45 7.42 -21.31
CA ILE A 116 -0.94 7.18 -20.95
C ILE A 116 -1.54 6.11 -21.83
N THR A 117 -1.26 6.12 -23.13
CA THR A 117 -1.82 5.10 -23.98
C THR A 117 -1.35 3.69 -23.60
N VAL A 118 -0.07 3.55 -23.31
CA VAL A 118 0.50 2.26 -22.81
C VAL A 118 -0.24 1.76 -21.58
N VAL A 119 -0.49 2.66 -20.64
CA VAL A 119 -0.97 2.34 -19.33
C VAL A 119 -2.40 1.94 -19.48
N ILE A 120 -3.09 2.57 -20.43
CA ILE A 120 -4.48 2.20 -20.70
C ILE A 120 -4.56 0.80 -21.32
N LYS A 121 -3.73 0.58 -22.32
CA LYS A 121 -3.66 -0.73 -22.86
C LYS A 121 -3.33 -1.81 -21.80
N CYS A 122 -2.30 -1.56 -21.02
CA CYS A 122 -1.97 -2.44 -19.86
C CYS A 122 -3.20 -2.73 -19.02
N SER A 123 -3.96 -1.67 -18.77
CA SER A 123 -5.15 -1.74 -17.93
C SER A 123 -6.21 -2.66 -18.50
N LEU A 124 -6.43 -2.60 -19.82
CA LEU A 124 -7.46 -3.41 -20.44
C LEU A 124 -6.96 -4.83 -20.53
N GLU A 125 -5.67 -5.03 -20.69
CA GLU A 125 -5.14 -6.39 -20.62
C GLU A 125 -5.31 -7.03 -19.17
N ILE A 126 -5.28 -6.23 -18.13
CA ILE A 126 -5.44 -6.72 -16.76
C ILE A 126 -6.88 -7.17 -16.63
N HIS A 127 -7.82 -6.30 -17.06
CA HIS A 127 -9.23 -6.68 -17.12
C HIS A 127 -9.43 -7.95 -17.90
N GLY A 128 -8.69 -8.16 -18.98
CA GLY A 128 -8.75 -9.41 -19.72
C GLY A 128 -8.22 -10.67 -19.07
N LEU A 129 -7.34 -10.53 -18.08
CA LEU A 129 -6.90 -11.68 -17.30
C LEU A 129 -8.07 -12.37 -16.58
N PHE A 130 -9.05 -11.58 -16.11
CA PHE A 130 -10.09 -12.01 -15.14
C PHE A 130 -11.51 -12.18 -15.68
N GLU A 131 -11.66 -12.00 -16.99
CA GLU A 131 -12.85 -12.43 -17.72
C GLU A 131 -12.95 -13.94 -17.59
N THR A 132 -14.06 -14.46 -17.09
CA THR A 132 -14.21 -15.94 -17.08
C THR A 132 -13.31 -16.55 -15.99
N GLN A 133 -13.41 -15.97 -14.78
CA GLN A 133 -12.43 -16.21 -13.72
C GLN A 133 -13.05 -16.01 -12.35
N GLU A 134 -12.93 -16.99 -11.46
CA GLU A 134 -13.69 -17.03 -10.23
C GLU A 134 -12.77 -17.34 -9.07
N TRP A 135 -13.09 -16.81 -7.87
CA TRP A 135 -12.46 -17.27 -6.63
C TRP A 135 -12.91 -18.73 -6.39
N GLU A 136 -14.21 -18.94 -6.21
CA GLU A 136 -14.83 -20.26 -6.11
C GLU A 136 -16.01 -20.32 -7.10
N GLU A 137 -16.63 -21.50 -7.20
CA GLU A 137 -17.81 -21.65 -8.06
C GLU A 137 -18.83 -20.62 -7.51
N GLY A 138 -19.28 -19.70 -8.38
CA GLY A 138 -20.25 -18.65 -8.04
C GLY A 138 -19.76 -17.32 -7.45
N LEU A 139 -18.42 -17.12 -7.34
CA LEU A 139 -17.80 -15.83 -6.95
C LEU A 139 -16.85 -15.36 -8.04
N ASP A 140 -17.24 -14.33 -8.79
CA ASP A 140 -16.34 -13.67 -9.74
C ASP A 140 -15.20 -12.90 -9.03
N ILE A 141 -14.03 -13.01 -9.65
CA ILE A 141 -12.92 -12.12 -9.33
C ILE A 141 -12.85 -11.11 -10.51
N ARG A 142 -12.86 -9.82 -10.18
CA ARG A 142 -12.76 -8.71 -11.13
CA ARG A 142 -12.67 -8.76 -11.16
C ARG A 142 -11.81 -7.60 -10.51
N VAL A 143 -11.38 -6.65 -11.28
CA VAL A 143 -10.59 -5.60 -10.78
C VAL A 143 -11.32 -4.30 -11.09
N LYS A 144 -10.86 -3.24 -10.45
CA LYS A 144 -11.22 -1.84 -10.72
C LYS A 144 -9.88 -1.15 -10.84
N ILE A 145 -9.73 -0.27 -11.83
CA ILE A 145 -8.43 0.44 -12.04
C ILE A 145 -8.71 1.93 -12.09
N GLY A 146 -7.93 2.71 -11.36
CA GLY A 146 -7.92 4.15 -11.51
C GLY A 146 -6.57 4.57 -12.07
N LEU A 147 -6.58 5.50 -13.03
CA LEU A 147 -5.39 6.06 -13.59
C LEU A 147 -5.34 7.57 -13.32
N ALA A 148 -4.13 8.11 -13.15
CA ALA A 148 -3.91 9.53 -12.95
C ALA A 148 -2.59 9.88 -13.55
N ALA A 149 -2.40 11.15 -13.84
CA ALA A 149 -1.13 11.62 -14.41
C ALA A 149 -0.85 13.07 -13.95
N GLY A 150 0.42 13.38 -13.81
CA GLY A 150 0.88 14.67 -13.40
C GLY A 150 2.14 14.71 -12.56
N HIS A 151 2.18 15.81 -11.82
CA HIS A 151 3.30 16.14 -10.96
C HIS A 151 3.25 15.15 -9.76
N ILE A 152 4.37 14.56 -9.39
CA ILE A 152 4.40 13.61 -8.27
C ILE A 152 5.63 13.89 -7.41
N SER A 153 5.46 13.87 -6.08
CA SER A 153 6.58 14.02 -5.18
C SER A 153 6.85 12.73 -4.48
N MET A 154 8.12 12.35 -4.40
CA MET A 154 8.54 11.31 -3.50
C MET A 154 8.99 11.94 -2.15
N LEU A 155 8.54 11.38 -1.04
CA LEU A 155 9.07 11.73 0.28
C LEU A 155 9.78 10.53 0.85
N VAL A 156 11.05 10.63 1.28
CA VAL A 156 11.70 9.60 2.00
C VAL A 156 11.98 10.09 3.47
N PHE A 157 11.55 9.28 4.41
CA PHE A 157 11.83 9.59 5.85
C PHE A 157 12.28 8.34 6.56
N GLY A 158 12.88 8.56 7.72
CA GLY A 158 13.26 7.54 8.67
C GLY A 158 14.44 7.94 9.47
N ASP A 159 15.08 6.97 10.05
CA ASP A 159 16.30 7.23 10.87
C ASP A 159 17.50 6.45 10.31
N GLU A 160 18.48 6.14 11.13
CA GLU A 160 19.74 5.57 10.71
C GLU A 160 19.69 4.11 10.33
N THR A 161 18.67 3.39 10.78
CA THR A 161 18.52 2.02 10.48
C THR A 161 17.25 1.66 9.71
N HIS A 162 16.26 2.55 9.62
CA HIS A 162 14.96 2.28 8.97
C HIS A 162 14.59 3.40 8.01
N SER A 163 14.07 3.08 6.82
CA SER A 163 13.66 4.12 5.91
C SER A 163 12.27 3.77 5.36
N HIS A 164 11.43 4.79 5.12
CA HIS A 164 10.15 4.59 4.48
C HIS A 164 10.05 5.56 3.35
N PHE A 165 9.25 5.26 2.32
CA PHE A 165 8.86 6.30 1.33
C PHE A 165 7.35 6.37 1.10
N LEU A 166 6.92 7.54 0.62
CA LEU A 166 5.63 7.82 0.09
C LEU A 166 5.70 8.65 -1.15
N VAL A 167 4.68 8.50 -1.99
CA VAL A 167 4.47 9.42 -3.09
C VAL A 167 3.26 10.29 -2.66
N ILE A 168 3.36 11.56 -3.04
CA ILE A 168 2.47 12.69 -2.67
C ILE A 168 2.11 13.56 -3.86
N GLY A 169 1.05 14.33 -3.76
CA GLY A 169 0.73 15.32 -4.74
C GLY A 169 -0.68 15.12 -5.31
N GLN A 170 -1.15 16.08 -6.13
CA GLN A 170 -2.55 16.02 -6.59
C GLN A 170 -2.80 14.80 -7.46
N ALA A 171 -1.85 14.43 -8.34
CA ALA A 171 -1.98 13.18 -9.08
C ALA A 171 -2.12 11.88 -8.22
N VAL A 172 -1.48 11.84 -7.05
CA VAL A 172 -1.66 10.76 -6.15
C VAL A 172 -3.08 10.81 -5.57
N ASP A 173 -3.49 12.00 -5.10
CA ASP A 173 -4.88 12.21 -4.69
C ASP A 173 -5.85 11.79 -5.81
N ASP A 174 -5.56 12.21 -7.05
CA ASP A 174 -6.43 11.89 -8.21
C ASP A 174 -6.58 10.41 -8.43
N VAL A 175 -5.46 9.68 -8.36
CA VAL A 175 -5.54 8.23 -8.56
C VAL A 175 -6.41 7.55 -7.46
N ARG A 176 -6.33 8.05 -6.24
CA ARG A 176 -7.21 7.47 -5.20
C ARG A 176 -8.68 7.80 -5.52
N LEU A 177 -9.00 9.05 -5.89
CA LEU A 177 -10.38 9.38 -6.24
C LEU A 177 -10.93 8.53 -7.42
N ALA A 178 -10.11 8.29 -8.43
CA ALA A 178 -10.54 7.52 -9.64
C ALA A 178 -10.80 6.07 -9.29
N GLN A 179 -9.96 5.54 -8.41
CA GLN A 179 -10.15 4.20 -7.84
C GLN A 179 -11.51 4.02 -7.08
N ASN A 180 -11.83 4.95 -6.16
CA ASN A 180 -13.09 4.94 -5.38
C ASN A 180 -14.36 5.02 -6.26
N MET A 181 -14.35 5.85 -7.30
CA MET A 181 -15.40 5.85 -8.32
C MET A 181 -15.53 4.56 -9.10
N ALA A 182 -14.42 3.91 -9.41
CA ALA A 182 -14.47 2.77 -10.26
C ALA A 182 -15.33 1.68 -9.62
N GLN A 183 -16.26 1.17 -10.42
CA GLN A 183 -16.86 -0.11 -10.22
C GLN A 183 -16.05 -1.17 -10.91
N MET A 184 -16.34 -2.42 -10.55
CA MET A 184 -15.80 -3.60 -11.19
C MET A 184 -15.83 -3.49 -12.67
N ASN A 185 -14.67 -3.75 -13.23
CA ASN A 185 -14.35 -3.81 -14.64
C ASN A 185 -14.06 -2.50 -15.30
N ASP A 186 -14.04 -1.45 -14.51
CA ASP A 186 -13.78 -0.10 -15.01
C ASP A 186 -12.26 0.25 -15.00
N VAL A 187 -11.92 1.07 -15.97
CA VAL A 187 -10.73 1.85 -15.94
C VAL A 187 -11.19 3.30 -15.93
N ILE A 188 -10.89 4.00 -14.83
CA ILE A 188 -11.31 5.36 -14.65
C ILE A 188 -10.10 6.24 -14.84
N LEU A 189 -10.19 7.31 -15.63
CA LEU A 189 -9.13 8.32 -15.74
C LEU A 189 -9.38 9.55 -14.88
N SER A 190 -8.36 10.07 -14.18
CA SER A 190 -8.50 11.39 -13.56
C SER A 190 -8.82 12.48 -14.60
N PRO A 191 -9.31 13.65 -14.12
CA PRO A 191 -9.49 14.72 -15.09
C PRO A 191 -8.21 15.13 -15.78
N ASN A 192 -7.10 15.14 -15.04
CA ASN A 192 -5.88 15.59 -15.63
C ASN A 192 -5.38 14.53 -16.56
N CYS A 193 -5.66 13.27 -16.26
CA CYS A 193 -5.21 12.23 -17.17
C CYS A 193 -5.92 12.30 -18.56
N TRP A 194 -7.23 12.48 -18.51
CA TRP A 194 -8.05 12.73 -19.70
C TRP A 194 -7.62 13.94 -20.50
N GLN A 195 -7.36 15.01 -19.76
CA GLN A 195 -6.79 16.27 -20.26
C GLN A 195 -5.43 16.08 -21.02
N LEU A 196 -4.58 15.17 -20.56
CA LEU A 196 -3.24 14.98 -21.11
C LEU A 196 -3.18 13.84 -22.10
N CYS A 197 -4.21 13.01 -22.19
CA CYS A 197 -4.13 11.84 -23.06
C CYS A 197 -4.37 12.13 -24.56
N ASP A 198 -4.05 11.16 -25.38
CA ASP A 198 -4.26 11.27 -26.82
C ASP A 198 -5.72 10.96 -27.08
N ARG A 199 -6.53 12.02 -27.00
CA ARG A 199 -7.99 11.87 -27.04
C ARG A 199 -8.49 11.44 -28.43
N SER A 200 -7.63 11.40 -29.43
CA SER A 200 -7.98 10.75 -30.68
C SER A 200 -8.13 9.23 -30.61
N MET A 201 -7.41 8.53 -29.76
CA MET A 201 -7.46 7.03 -29.62
C MET A 201 -8.43 6.44 -28.58
N ILE A 202 -8.98 7.28 -27.73
CA ILE A 202 -9.48 6.81 -26.44
C ILE A 202 -10.90 7.25 -26.41
N GLU A 203 -11.80 6.32 -26.57
CA GLU A 203 -13.21 6.58 -26.34
C GLU A 203 -13.64 6.42 -24.86
N ILE A 204 -14.34 7.41 -24.34
CA ILE A 204 -14.73 7.51 -22.94
C ILE A 204 -16.22 7.79 -22.82
N GLU A 205 -16.76 7.60 -21.64
CA GLU A 205 -18.04 8.13 -21.25
C GLU A 205 -17.87 8.87 -19.89
N SER A 206 -18.74 9.87 -19.71
CA SER A 206 -18.71 10.72 -18.52
C SER A 206 -19.20 9.92 -17.30
N VAL A 207 -18.80 10.37 -16.14
CA VAL A 207 -19.23 9.72 -14.88
C VAL A 207 -20.10 10.74 -14.15
N PRO A 208 -21.38 10.39 -13.85
CA PRO A 208 -22.34 11.31 -13.18
C PRO A 208 -21.74 12.04 -11.96
N ASP A 209 -21.96 13.35 -11.86
CA ASP A 209 -21.45 14.13 -10.71
C ASP A 209 -19.96 13.91 -10.55
N GLN A 210 -19.23 13.84 -11.68
CA GLN A 210 -17.77 13.74 -11.66
C GLN A 210 -17.17 14.29 -12.94
N ARG A 211 -16.02 14.98 -12.81
CA ARG A 211 -15.19 15.41 -13.95
C ARG A 211 -14.30 14.28 -14.55
N ALA A 212 -14.00 13.27 -13.74
CA ALA A 212 -13.30 12.07 -14.18
C ALA A 212 -14.09 11.31 -15.25
N VAL A 213 -13.43 10.45 -16.03
CA VAL A 213 -14.08 9.70 -17.10
C VAL A 213 -13.77 8.21 -17.08
N LYS A 214 -14.67 7.40 -17.61
CA LYS A 214 -14.49 5.97 -17.74
C LYS A 214 -14.07 5.72 -19.19
N VAL A 215 -13.21 4.74 -19.36
CA VAL A 215 -12.77 4.32 -20.68
C VAL A 215 -13.61 3.23 -21.23
N ASN A 216 -14.12 3.41 -22.45
CA ASN A 216 -14.87 2.36 -23.13
C ASN A 216 -13.99 1.56 -24.02
N PHE A 217 -13.24 2.23 -24.88
CA PHE A 217 -12.47 1.55 -25.90
C PHE A 217 -11.24 2.30 -26.13
N LEU A 218 -10.27 1.56 -26.68
CA LEU A 218 -9.04 2.08 -27.18
C LEU A 218 -9.20 1.85 -28.66
N LYS A 219 -9.30 2.92 -29.43
CA LYS A 219 -9.56 2.81 -30.87
C LYS A 219 -8.47 3.53 -31.67
N PRO A 220 -7.36 2.83 -31.85
CA PRO A 220 -6.25 3.42 -32.59
C PRO A 220 -6.61 3.49 -34.06
N PRO A 221 -5.92 4.36 -34.81
CA PRO A 221 -6.12 4.52 -36.24
C PRO A 221 -5.76 3.26 -37.02
N PRO A 222 -6.22 3.12 -38.26
CA PRO A 222 -5.98 1.93 -39.10
C PRO A 222 -4.58 1.39 -39.14
N ASN A 223 -3.60 2.25 -39.23
CA ASN A 223 -2.15 1.87 -39.38
C ASN A 223 -1.34 1.81 -38.07
N PHE A 224 -1.97 2.02 -36.92
CA PHE A 224 -1.22 2.07 -35.70
C PHE A 224 -0.79 0.65 -35.33
N ASN A 225 0.46 0.46 -34.97
CA ASN A 225 0.93 -0.87 -34.53
C ASN A 225 1.35 -0.84 -33.06
N PHE A 226 0.61 -1.52 -32.19
CA PHE A 226 0.88 -1.25 -30.74
C PHE A 226 2.28 -1.61 -30.37
N ASP A 227 2.75 -2.74 -30.87
CA ASP A 227 4.09 -3.21 -30.56
C ASP A 227 5.19 -2.24 -30.92
N GLU A 228 5.11 -1.63 -32.10
CA GLU A 228 6.15 -0.69 -32.49
C GLU A 228 6.03 0.60 -31.72
N PHE A 229 4.78 0.95 -31.37
CA PHE A 229 4.52 2.13 -30.57
C PHE A 229 5.12 1.94 -29.17
N PHE A 230 4.97 0.73 -28.64
CA PHE A 230 5.54 0.41 -27.34
C PHE A 230 7.07 0.41 -27.35
N THR A 231 7.68 -0.17 -28.37
CA THR A 231 9.20 -0.15 -28.52
C THR A 231 9.71 1.30 -28.56
N LYS A 232 9.00 2.18 -29.27
CA LYS A 232 9.34 3.58 -29.24
C LYS A 232 9.18 4.16 -27.87
N CYS A 233 8.13 3.81 -27.13
CA CYS A 233 8.02 4.29 -25.73
C CYS A 233 9.10 3.79 -24.81
N THR A 234 9.66 2.60 -25.06
CA THR A 234 10.75 2.08 -24.19
C THR A 234 12.02 2.85 -24.28
N THR A 235 12.20 3.53 -25.40
CA THR A 235 13.26 4.50 -25.54
C THR A 235 13.32 5.43 -24.41
N PHE A 236 12.15 5.82 -23.87
CA PHE A 236 12.19 6.76 -22.73
C PHE A 236 12.26 6.11 -21.39
N MET A 237 12.37 4.78 -21.30
CA MET A 237 12.37 4.04 -19.99
C MET A 237 13.79 3.57 -19.60
N HIS A 238 14.34 4.17 -18.56
CA HIS A 238 15.73 4.08 -18.22
C HIS A 238 16.11 2.65 -17.93
N TYR A 239 15.21 1.93 -17.31
CA TYR A 239 15.51 0.60 -16.77
C TYR A 239 14.70 -0.53 -17.38
N TYR A 240 14.01 -0.31 -18.53
CA TYR A 240 13.35 -1.40 -19.19
C TYR A 240 14.40 -2.50 -19.55
N PRO A 241 14.19 -3.78 -19.16
CA PRO A 241 15.20 -4.74 -19.53
C PRO A 241 15.36 -4.99 -21.05
N SER A 242 16.59 -5.06 -21.52
CA SER A 242 16.86 -5.17 -22.91
C SER A 242 18.11 -5.93 -23.18
N GLY A 243 18.22 -6.30 -24.47
CA GLY A 243 19.45 -6.73 -25.09
C GLY A 243 19.68 -8.12 -24.61
N GLU A 244 20.81 -8.35 -23.97
CA GLU A 244 21.08 -9.64 -23.36
C GLU A 244 20.07 -9.92 -22.22
N HIS A 245 19.53 -8.86 -21.62
CA HIS A 245 18.61 -8.97 -20.47
C HIS A 245 17.13 -8.84 -20.78
N LYS A 246 16.79 -8.94 -22.07
CA LYS A 246 15.42 -8.77 -22.54
C LYS A 246 14.44 -9.85 -22.03
N ASN A 247 14.97 -11.03 -21.71
CA ASN A 247 14.20 -12.14 -21.07
C ASN A 247 13.76 -11.92 -19.58
N LEU A 248 14.01 -10.75 -18.99
CA LEU A 248 13.92 -10.57 -17.51
C LEU A 248 12.85 -9.57 -17.22
N LEU A 249 12.12 -9.85 -16.18
CA LEU A 249 11.07 -8.90 -15.82
C LEU A 249 11.59 -7.67 -15.19
N ARG A 250 12.73 -7.71 -14.56
CA ARG A 250 13.23 -6.53 -13.86
C ARG A 250 14.71 -6.45 -14.02
N LEU A 251 15.24 -5.25 -14.27
CA LEU A 251 16.68 -5.12 -14.30
C LEU A 251 17.24 -5.41 -12.91
N ALA A 252 16.47 -5.10 -11.85
CA ALA A 252 16.90 -5.35 -10.47
C ALA A 252 17.36 -6.78 -10.28
N CME A 253 16.91 -7.74 -11.08
CA CME A 253 17.33 -9.09 -10.97
CB CME A 253 16.53 -9.97 -11.89
SG CME A 253 14.79 -10.13 -11.57
SD CME A 253 14.73 -10.54 -9.51
CE CME A 253 14.42 -8.86 -9.01
CZ CME A 253 14.66 -8.61 -7.53
OH CME A 253 14.33 -9.82 -6.84
C CME A 253 18.76 -9.23 -11.37
O CME A 253 19.32 -10.23 -11.06
N THR A 254 19.39 -8.25 -12.04
CA THR A 254 20.83 -8.31 -12.32
C THR A 254 21.73 -7.56 -11.33
N LEU A 255 21.21 -6.98 -10.28
CA LEU A 255 22.08 -6.36 -9.30
C LEU A 255 23.18 -7.27 -8.72
N LYS A 256 24.34 -6.71 -8.51
CA LYS A 256 25.48 -7.41 -8.06
C LYS A 256 25.81 -6.86 -6.69
N PRO A 257 26.49 -7.67 -5.84
CA PRO A 257 26.81 -7.27 -4.47
C PRO A 257 27.47 -5.88 -4.46
N ASP A 258 27.11 -5.10 -3.45
CA ASP A 258 27.55 -3.74 -3.31
C ASP A 258 27.17 -3.40 -1.86
N PRO A 259 28.09 -3.49 -0.94
CA PRO A 259 27.74 -3.31 0.48
C PRO A 259 27.01 -2.03 0.82
N GLU A 260 27.41 -0.93 0.16
CA GLU A 260 26.81 0.39 0.40
C GLU A 260 25.36 0.47 -0.03
N LEU A 261 25.02 -0.06 -1.22
CA LEU A 261 23.66 -0.01 -1.72
C LEU A 261 22.76 -0.93 -0.85
N GLU A 262 23.29 -2.10 -0.52
CA GLU A 262 22.59 -3.09 0.29
C GLU A 262 22.27 -2.45 1.67
N MET A 263 23.26 -1.81 2.26
CA MET A 263 23.09 -1.09 3.54
C MET A 263 21.90 -0.09 3.47
N SER A 264 21.84 0.64 2.36
CA SER A 264 20.74 1.50 2.06
C SER A 264 19.41 0.80 1.89
N LEU A 265 19.38 -0.26 1.16
CA LEU A 265 18.10 -0.85 0.85
C LEU A 265 17.46 -1.64 2.00
N GLN A 266 18.31 -2.29 2.81
CA GLN A 266 17.86 -3.15 3.83
C GLN A 266 17.00 -2.44 4.85
N LYS A 267 17.27 -1.14 5.04
CA LYS A 267 16.52 -0.28 5.92
C LYS A 267 15.04 -0.13 5.60
N TYR A 268 14.68 -0.36 4.33
CA TYR A 268 13.30 -0.34 3.90
C TYR A 268 12.58 -1.62 4.25
N VAL A 269 13.28 -2.67 4.67
CA VAL A 269 12.70 -3.96 4.79
C VAL A 269 12.69 -4.40 6.24
N MET A 270 11.63 -5.08 6.64
CA MET A 270 11.52 -5.56 8.00
C MET A 270 12.57 -6.58 8.32
N GLU A 271 13.01 -6.56 9.58
CA GLU A 271 13.98 -7.52 10.10
C GLU A 271 13.59 -8.97 9.92
N SER A 272 12.34 -9.34 10.11
CA SER A 272 11.98 -10.74 9.93
C SER A 272 12.05 -11.21 8.42
N ILE A 273 11.80 -10.33 7.48
CA ILE A 273 12.04 -10.63 6.05
C ILE A 273 13.52 -10.82 5.78
N LEU A 274 14.34 -9.93 6.27
CA LEU A 274 15.80 -10.01 6.12
C LEU A 274 16.30 -11.33 6.66
N LYS A 275 15.75 -11.74 7.81
CA LYS A 275 16.17 -13.02 8.36
C LYS A 275 15.95 -14.18 7.38
N GLN A 276 14.78 -14.15 6.80
CA GLN A 276 14.36 -15.10 5.73
C GLN A 276 15.23 -15.01 4.45
N ILE A 277 15.45 -13.79 3.99
CA ILE A 277 16.39 -13.53 2.89
C ILE A 277 17.72 -14.12 3.17
N ASP A 278 18.15 -14.02 4.44
CA ASP A 278 19.44 -14.56 4.75
C ASP A 278 19.50 -16.07 5.00
N ASN A 279 18.42 -16.77 4.71
CA ASN A 279 18.24 -18.20 5.10
C ASN A 279 18.52 -18.56 6.47
N LYS A 280 18.12 -17.67 7.35
CA LYS A 280 18.15 -17.92 8.76
C LYS A 280 16.78 -18.08 9.36
N GLN A 281 15.76 -18.18 8.52
CA GLN A 281 14.40 -18.48 8.97
C GLN A 281 13.76 -19.20 7.83
N LEU A 282 12.85 -20.12 8.15
CA LEU A 282 12.06 -20.92 7.18
C LEU A 282 11.29 -20.02 6.27
N GLN A 283 11.40 -20.32 4.95
CA GLN A 283 10.74 -19.48 3.91
C GLN A 283 9.20 -19.35 4.03
N GLY A 284 8.57 -20.17 4.89
CA GLY A 284 7.14 -20.19 5.07
C GLY A 284 6.65 -19.60 6.35
N TYR A 285 7.60 -19.22 7.20
CA TYR A 285 7.33 -18.76 8.55
C TYR A 285 6.40 -17.54 8.60
N LEU A 286 6.47 -16.67 7.60
CA LEU A 286 5.68 -15.47 7.61
C LEU A 286 4.25 -15.58 7.13
N SER A 287 3.89 -16.70 6.51
CA SER A 287 2.47 -16.86 6.07
C SER A 287 1.67 -17.39 7.25
N GLU A 288 0.87 -16.56 7.91
CA GLU A 288 0.19 -17.03 9.15
CA GLU A 288 0.21 -17.04 9.13
C GLU A 288 -1.10 -16.29 9.44
N LEU A 289 -1.97 -16.91 10.16
CA LEU A 289 -3.11 -16.29 10.78
C LEU A 289 -2.72 -16.10 12.23
N ARG A 290 -2.58 -14.88 12.70
CA ARG A 290 -2.10 -14.63 14.07
C ARG A 290 -2.94 -13.56 14.74
N PRO A 291 -3.14 -13.72 16.02
CA PRO A 291 -3.79 -12.67 16.78
C PRO A 291 -2.80 -11.52 16.97
N VAL A 292 -3.22 -10.34 16.58
CA VAL A 292 -2.46 -9.15 16.78
C VAL A 292 -3.29 -8.02 17.24
N THR A 293 -2.65 -6.94 17.66
CA THR A 293 -3.34 -5.64 17.82
C THR A 293 -2.82 -4.61 16.87
N ILE A 294 -3.72 -3.94 16.17
CA ILE A 294 -3.45 -2.99 15.12
C ILE A 294 -3.63 -1.63 15.78
N VAL A 295 -2.64 -0.75 15.62
CA VAL A 295 -2.76 0.63 16.05
C VAL A 295 -2.53 1.42 14.77
N PHE A 296 -3.58 2.08 14.29
CA PHE A 296 -3.56 2.72 13.02
C PHE A 296 -3.65 4.21 13.31
N VAL A 297 -2.57 4.92 13.02
CA VAL A 297 -2.37 6.32 13.33
C VAL A 297 -2.47 7.21 12.08
N ASN A 298 -3.40 8.13 12.07
CA ASN A 298 -3.62 9.05 11.01
C ASN A 298 -3.29 10.48 11.43
N LEU A 299 -2.54 11.17 10.56
CA LEU A 299 -2.03 12.54 10.77
C LEU A 299 -2.61 13.35 9.64
N MET A 300 -3.50 14.31 9.94
CA MET A 300 -4.07 15.24 8.91
C MET A 300 -3.33 16.53 8.94
N PHE A 301 -3.10 17.06 7.74
CA PHE A 301 -2.37 18.30 7.47
C PHE A 301 -3.27 19.33 6.81
N GLU A 302 -3.00 20.63 6.94
CA GLU A 302 -3.81 21.59 6.14
C GLU A 302 -3.77 21.27 4.62
N ASP A 303 -2.58 20.90 4.10
CA ASP A 303 -2.37 20.68 2.65
C ASP A 303 -1.48 19.48 2.39
N GLN A 304 -2.09 18.37 1.96
CA GLN A 304 -1.34 17.09 1.77
C GLN A 304 -0.75 16.81 0.35
N ASP A 305 -0.56 17.88 -0.41
CA ASP A 305 0.13 17.82 -1.71
C ASP A 305 1.47 18.47 -1.77
N LYS A 306 1.87 19.14 -0.67
CA LYS A 306 3.12 19.90 -0.60
C LYS A 306 4.06 19.15 0.27
N ALA A 307 5.00 18.46 -0.34
CA ALA A 307 5.95 17.67 0.43
C ALA A 307 6.80 18.54 1.35
N GLU A 308 7.06 19.80 0.95
CA GLU A 308 7.95 20.68 1.76
C GLU A 308 7.32 20.98 3.09
N GLU A 309 5.99 21.07 3.13
CA GLU A 309 5.21 21.26 4.36
C GLU A 309 5.09 20.00 5.27
N ILE A 310 4.69 18.88 4.69
CA ILE A 310 4.27 17.74 5.46
C ILE A 310 5.46 16.80 5.77
N GLY A 311 6.48 16.88 4.92
CA GLY A 311 7.74 16.23 5.08
C GLY A 311 8.34 16.27 6.48
N PRO A 312 8.71 17.47 6.96
CA PRO A 312 9.26 17.58 8.30
C PRO A 312 8.44 17.04 9.44
N ALA A 313 7.14 17.13 9.30
CA ALA A 313 6.22 16.73 10.32
C ALA A 313 6.08 15.20 10.38
N ILE A 314 6.03 14.62 9.22
CA ILE A 314 5.99 13.18 9.12
C ILE A 314 7.28 12.61 9.71
N GLN A 315 8.41 13.21 9.33
CA GLN A 315 9.72 12.84 9.85
C GLN A 315 9.79 12.94 11.42
N ASP A 316 9.33 14.07 11.96
CA ASP A 316 9.22 14.27 13.40
C ASP A 316 8.32 13.30 14.11
N ALA A 317 7.15 13.09 13.53
CA ALA A 317 6.22 12.11 14.04
C ALA A 317 6.83 10.67 13.98
N TYR A 318 7.51 10.37 12.84
CA TYR A 318 8.12 9.04 12.71
C TYR A 318 9.18 8.76 13.84
N MET A 319 9.98 9.76 14.12
CA MET A 319 11.01 9.65 15.12
C MET A 319 10.42 9.28 16.50
N HIS A 320 9.28 9.88 16.84
CA HIS A 320 8.60 9.56 18.05
C HIS A 320 7.88 8.23 18.04
N ILE A 321 7.12 7.95 16.95
CA ILE A 321 6.42 6.73 16.83
C ILE A 321 7.40 5.58 16.93
N THR A 322 8.50 5.63 16.20
CA THR A 322 9.43 4.54 16.25
C THR A 322 10.00 4.33 17.67
N SER A 323 10.18 5.42 18.42
CA SER A 323 10.70 5.28 19.80
C SER A 323 9.71 4.62 20.80
N VAL A 324 8.47 5.06 20.72
CA VAL A 324 7.39 4.61 21.58
C VAL A 324 7.07 3.12 21.33
N LEU A 325 7.15 2.72 20.06
CA LEU A 325 6.97 1.33 19.64
C LEU A 325 8.08 0.38 20.06
N LYS A 326 9.34 0.78 19.88
CA LYS A 326 10.44 -0.03 20.45
C LYS A 326 10.14 -0.32 21.95
N ILE A 327 9.72 0.67 22.72
CA ILE A 327 9.50 0.48 24.17
C ILE A 327 8.41 -0.51 24.40
N PHE A 328 7.24 -0.24 23.78
CA PHE A 328 6.00 -1.03 23.96
C PHE A 328 5.94 -2.34 23.13
N GLN A 329 6.97 -2.64 22.34
CA GLN A 329 7.16 -3.88 21.53
C GLN A 329 6.26 -4.06 20.30
N GLY A 330 6.11 -2.99 19.56
CA GLY A 330 5.38 -2.97 18.35
C GLY A 330 6.32 -2.59 17.21
N GLN A 331 5.73 -2.53 16.03
CA GLN A 331 6.43 -2.21 14.81
C GLN A 331 5.58 -1.53 13.83
N ILE A 332 6.13 -0.55 13.14
CA ILE A 332 5.53 -0.03 11.95
C ILE A 332 5.63 -1.08 10.89
N ASN A 333 4.50 -1.44 10.29
CA ASN A 333 4.45 -2.39 9.20
C ASN A 333 4.39 -1.72 7.82
N LYS A 334 3.60 -0.65 7.66
CA LYS A 334 3.45 0.11 6.41
C LYS A 334 2.97 1.52 6.74
N VAL A 335 3.31 2.45 5.86
CA VAL A 335 2.83 3.81 5.87
C VAL A 335 2.08 4.05 4.60
N PHE A 336 0.99 4.82 4.72
CA PHE A 336 0.02 5.05 3.70
C PHE A 336 -0.30 6.53 3.54
N MET A 337 -0.55 6.91 2.32
CA MET A 337 -1.30 8.16 2.11
C MET A 337 -2.70 7.81 1.71
N PHE A 338 -3.62 7.91 2.65
CA PHE A 338 -5.04 7.92 2.26
C PHE A 338 -5.47 9.31 1.77
N ASP A 339 -6.74 9.31 1.30
CA ASP A 339 -7.59 10.48 0.99
C ASP A 339 -7.28 11.55 1.97
N LYS A 340 -7.41 11.21 3.26
CA LYS A 340 -7.07 12.18 4.28
C LYS A 340 -5.96 11.68 5.19
N GLY A 341 -4.75 12.14 4.88
CA GLY A 341 -3.62 12.10 5.77
C GLY A 341 -2.62 11.04 5.46
N CYS A 342 -1.56 11.13 6.24
CA CYS A 342 -0.58 10.10 6.32
C CYS A 342 -0.98 9.09 7.42
N SER A 343 -0.92 7.81 7.12
CA SER A 343 -1.35 6.84 8.10
C SER A 343 -0.25 5.81 8.35
N PHE A 344 0.01 5.52 9.62
CA PHE A 344 0.95 4.50 10.05
C PHE A 344 0.26 3.24 10.59
N LEU A 345 0.59 2.12 9.97
CA LEU A 345 -0.03 0.89 10.30
C LEU A 345 0.89 0.23 11.24
N CYS A 346 0.57 0.26 12.50
CA CYS A 346 1.43 -0.36 13.48
C CYS A 346 0.77 -1.65 14.06
N VAL A 347 1.56 -2.65 14.36
CA VAL A 347 1.14 -3.96 14.78
C VAL A 347 1.95 -4.43 16.04
N PHE A 348 1.25 -5.04 17.00
CA PHE A 348 1.83 -5.66 18.19
C PHE A 348 1.44 -7.13 18.05
N GLY A 349 2.46 -7.99 18.08
CA GLY A 349 2.32 -9.44 18.19
C GLY A 349 2.72 -10.41 17.05
N PHE A 350 3.35 -9.94 15.97
CA PHE A 350 3.71 -10.86 14.81
C PHE A 350 4.21 -10.12 13.56
N GLY A 352 6.70 -9.27 15.76
CA GLY A 352 7.11 -8.93 17.13
C GLY A 352 6.93 -10.12 18.05
N GLU A 353 7.30 -9.97 19.32
CA GLU A 353 7.13 -11.07 20.31
C GLU A 353 5.63 -11.17 20.67
N LYS A 354 5.14 -12.37 20.92
CA LYS A 354 3.80 -12.53 21.49
C LYS A 354 3.97 -12.31 23.03
N VAL A 355 3.73 -11.07 23.49
CA VAL A 355 4.01 -10.61 24.89
C VAL A 355 2.74 -10.43 25.72
N PRO A 356 2.84 -10.54 27.07
CA PRO A 356 1.60 -10.33 27.84
C PRO A 356 1.41 -8.80 27.99
N ASP A 357 0.17 -8.37 28.33
CA ASP A 357 -0.27 -6.95 28.35
C ASP A 357 -0.19 -6.24 26.98
N GLU A 358 -0.22 -7.05 25.90
CA GLU A 358 -0.16 -6.56 24.55
C GLU A 358 -1.17 -5.39 24.46
N LEU A 359 -2.35 -5.49 25.16
CA LEU A 359 -3.50 -4.65 24.86
C LEU A 359 -3.32 -3.39 25.60
N THR A 360 -3.09 -3.50 26.92
CA THR A 360 -2.72 -2.34 27.74
C THR A 360 -1.56 -1.56 27.06
N HIS A 361 -0.54 -2.27 26.57
CA HIS A 361 0.58 -1.59 25.93
C HIS A 361 0.13 -0.89 24.64
N ALA A 362 -0.79 -1.47 23.85
CA ALA A 362 -1.14 -0.92 22.55
C ALA A 362 -1.87 0.42 22.86
N LEU A 363 -2.77 0.40 23.83
CA LEU A 363 -3.51 1.55 24.21
C LEU A 363 -2.63 2.71 24.70
N GLU A 364 -1.72 2.38 25.58
CA GLU A 364 -0.85 3.36 26.20
C GLU A 364 0.07 3.94 25.16
N CYS A 365 0.55 3.09 24.32
CA CYS A 365 1.36 3.49 23.18
C CYS A 365 0.59 4.43 22.25
N ALA A 366 -0.68 4.13 21.96
CA ALA A 366 -1.55 5.05 21.19
C ALA A 366 -1.67 6.43 21.83
N MET A 367 -1.93 6.50 23.16
CA MET A 367 -2.10 7.79 23.81
C MET A 367 -0.83 8.66 23.78
N ASP A 368 0.30 8.05 24.01
CA ASP A 368 1.56 8.73 23.91
C ASP A 368 1.83 9.32 22.47
N ILE A 369 1.70 8.45 21.48
CA ILE A 369 1.74 8.89 20.07
C ILE A 369 0.76 10.05 19.86
N PHE A 370 -0.47 9.85 20.29
CA PHE A 370 -1.45 10.88 20.14
C PHE A 370 -1.01 12.22 20.79
N ASP A 371 -0.49 12.20 22.01
CA ASP A 371 -0.12 13.44 22.71
C ASP A 371 1.03 14.10 22.09
N PHE A 372 2.01 13.31 21.69
CA PHE A 372 3.19 13.92 21.09
C PHE A 372 2.83 14.48 19.76
N CYS A 373 2.19 13.69 18.93
CA CYS A 373 1.90 14.14 17.54
C CYS A 373 1.00 15.39 17.41
N SER A 374 0.12 15.58 18.40
CA SER A 374 -0.80 16.70 18.41
C SER A 374 -0.08 17.97 18.67
N GLN A 375 1.14 17.91 19.15
CA GLN A 375 1.91 19.08 19.38
C GLN A 375 2.87 19.34 18.18
N VAL A 376 2.87 18.52 17.13
CA VAL A 376 3.79 18.73 16.03
C VAL A 376 3.21 19.79 15.09
N HIS A 377 4.12 20.61 14.55
CA HIS A 377 3.84 21.87 13.91
C HIS A 377 2.72 21.81 12.89
N LYS A 378 2.94 21.12 11.80
CA LYS A 378 1.92 21.20 10.77
C LYS A 378 0.80 20.20 10.90
N ILE A 379 0.67 19.52 12.04
CA ILE A 379 -0.33 18.45 12.12
C ILE A 379 -1.57 19.06 12.66
N GLN A 380 -2.63 19.08 11.89
CA GLN A 380 -3.91 19.71 12.26
C GLN A 380 -4.69 18.84 13.27
N THR A 381 -4.71 17.54 13.02
CA THR A 381 -5.46 16.52 13.76
C THR A 381 -4.70 15.20 13.78
N VAL A 382 -4.83 14.51 14.90
CA VAL A 382 -4.39 13.12 15.06
C VAL A 382 -5.53 12.22 15.37
N SER A 383 -5.53 11.03 14.75
CA SER A 383 -6.60 10.04 14.93
C SER A 383 -5.98 8.65 14.99
N ILE A 384 -6.28 7.90 16.05
CA ILE A 384 -5.78 6.56 16.16
C ILE A 384 -6.88 5.55 16.41
N GLY A 385 -6.89 4.50 15.58
CA GLY A 385 -7.77 3.35 15.79
C GLY A 385 -7.03 2.11 16.29
N VAL A 386 -7.58 1.38 17.26
CA VAL A 386 -6.94 0.22 17.86
C VAL A 386 -7.95 -0.92 17.79
N ALA A 387 -7.60 -2.02 17.11
CA ALA A 387 -8.51 -3.23 16.98
C ALA A 387 -7.61 -4.47 17.23
N SER A 388 -8.14 -5.55 17.75
CA SER A 388 -7.35 -6.78 17.96
C SER A 388 -8.11 -8.00 17.53
N GLY A 389 -7.36 -8.99 17.09
CA GLY A 389 -7.89 -10.15 16.43
C GLY A 389 -6.89 -10.95 15.58
N ILE A 390 -7.45 -11.86 14.76
CA ILE A 390 -6.72 -12.76 13.92
C ILE A 390 -6.63 -11.99 12.62
N VAL A 391 -5.41 -11.84 12.12
CA VAL A 391 -5.21 -11.29 10.76
C VAL A 391 -4.31 -12.22 9.99
N PHE A 392 -4.42 -12.20 8.66
CA PHE A 392 -3.54 -12.92 7.78
C PHE A 392 -2.28 -12.10 7.57
N CYS A 393 -1.14 -12.75 7.66
CA CYS A 393 0.17 -12.16 7.39
C CYS A 393 0.82 -12.98 6.24
N GLY A 394 1.60 -12.33 5.41
CA GLY A 394 2.37 -13.08 4.39
C GLY A 394 3.01 -12.14 3.39
N ILE A 395 3.95 -12.68 2.59
CA ILE A 395 4.51 -12.00 1.49
C ILE A 395 3.66 -12.23 0.21
N VAL A 396 3.22 -11.14 -0.34
CA VAL A 396 2.28 -11.10 -1.42
C VAL A 396 2.94 -10.45 -2.64
N GLY A 397 2.75 -11.08 -3.80
CA GLY A 397 3.17 -10.55 -5.06
C GLY A 397 3.73 -11.62 -5.98
N HIS A 398 4.75 -11.22 -6.73
CA HIS A 398 5.48 -12.05 -7.68
C HIS A 398 6.88 -12.36 -7.05
N THR A 399 7.47 -13.46 -7.50
CA THR A 399 8.88 -13.76 -7.24
C THR A 399 9.83 -12.55 -7.33
N VAL A 400 9.65 -11.71 -8.32
CA VAL A 400 10.58 -10.64 -8.63
C VAL A 400 10.16 -9.32 -8.00
N ARG A 401 8.93 -9.28 -7.51
CA ARG A 401 8.38 -8.13 -6.88
C ARG A 401 7.26 -8.46 -5.96
N HIS A 402 7.49 -8.27 -4.66
CA HIS A 402 6.59 -8.73 -3.61
C HIS A 402 6.86 -8.00 -2.32
N GLU A 403 5.92 -8.03 -1.39
CA GLU A 403 6.03 -7.25 -0.11
C GLU A 403 5.24 -7.99 0.97
N TYR A 404 5.73 -7.89 2.16
CA TYR A 404 4.97 -8.37 3.33
C TYR A 404 3.71 -7.50 3.52
N THR A 405 2.59 -8.10 3.83
CA THR A 405 1.36 -7.34 4.05
C THR A 405 0.53 -8.00 5.21
N VAL A 406 -0.41 -7.24 5.75
CA VAL A 406 -1.41 -7.81 6.69
C VAL A 406 -2.77 -7.52 6.16
N ILE A 407 -3.69 -8.45 6.34
CA ILE A 407 -5.03 -8.40 5.75
C ILE A 407 -6.04 -8.90 6.75
N GLY A 408 -7.15 -8.27 6.89
CA GLY A 408 -8.15 -8.76 7.84
C GLY A 408 -9.18 -7.69 8.15
N GLN A 409 -10.35 -8.16 8.59
CA GLN A 409 -11.37 -7.32 9.17
C GLN A 409 -10.88 -6.40 10.27
N LYS A 410 -9.99 -6.88 11.16
CA LYS A 410 -9.43 -5.96 12.17
C LYS A 410 -8.53 -4.84 11.60
N VAL A 411 -7.80 -5.12 10.52
CA VAL A 411 -7.03 -4.11 9.91
C VAL A 411 -7.96 -3.10 9.37
N ASN A 412 -9.02 -3.51 8.68
CA ASN A 412 -9.93 -2.49 8.12
C ASN A 412 -10.71 -1.70 9.18
N LEU A 413 -11.02 -2.36 10.28
CA LEU A 413 -11.75 -1.74 11.37
C LEU A 413 -10.88 -0.59 11.96
N ALA A 414 -9.63 -0.85 12.22
CA ALA A 414 -8.80 0.24 12.77
C ALA A 414 -8.68 1.43 11.78
N ALA A 415 -8.46 1.10 10.50
CA ALA A 415 -8.42 2.07 9.41
C ALA A 415 -9.73 2.95 9.38
N ARG A 416 -10.88 2.30 9.52
CA ARG A 416 -12.16 3.02 9.49
C ARG A 416 -12.44 3.84 10.74
N MET A 417 -12.10 3.32 11.91
CA MET A 417 -12.24 4.07 13.16
C MET A 417 -11.48 5.38 13.13
N MET A 418 -10.27 5.35 12.57
CA MET A 418 -9.41 6.54 12.60
C MET A 418 -9.93 7.58 11.60
N MET A 419 -10.67 7.14 10.60
CA MET A 419 -11.33 8.06 9.70
C MET A 419 -12.70 8.52 10.15
N TYR A 420 -13.53 7.62 10.63
CA TYR A 420 -14.86 8.00 11.05
C TYR A 420 -14.88 8.56 12.47
N TYR A 421 -13.74 8.61 13.19
CA TYR A 421 -13.74 9.17 14.60
C TYR A 421 -12.47 9.99 14.74
N PRO A 422 -12.38 11.05 13.95
CA PRO A 422 -11.19 11.88 13.93
C PRO A 422 -10.97 12.53 15.28
N GLY A 423 -9.74 12.87 15.57
CA GLY A 423 -9.33 13.56 16.76
C GLY A 423 -9.21 12.86 18.08
N ILE A 424 -9.34 11.56 18.08
CA ILE A 424 -9.31 10.82 19.31
C ILE A 424 -8.72 9.49 19.07
N VAL A 425 -8.40 8.79 20.17
CA VAL A 425 -8.04 7.42 20.16
C VAL A 425 -9.26 6.50 20.37
N THR A 426 -9.47 5.57 19.46
CA THR A 426 -10.65 4.71 19.56
C THR A 426 -10.19 3.22 19.67
N CYS A 427 -10.95 2.35 20.32
CA CYS A 427 -10.54 0.98 20.37
C CYS A 427 -11.78 0.14 20.25
N ASP A 428 -11.64 -1.11 19.79
CA ASP A 428 -12.74 -2.04 19.66
C ASP A 428 -13.08 -2.77 21.00
N SER A 429 -14.09 -3.64 20.96
CA SER A 429 -14.48 -4.40 22.18
C SER A 429 -13.43 -5.36 22.72
N VAL A 430 -12.74 -6.01 21.78
CA VAL A 430 -11.70 -6.96 22.20
C VAL A 430 -10.65 -6.27 23.02
N THR A 431 -10.26 -5.11 22.55
CA THR A 431 -9.22 -4.32 23.18
C THR A 431 -9.79 -3.80 24.50
N TYR A 432 -11.02 -3.30 24.48
CA TYR A 432 -11.60 -2.75 25.67
C TYR A 432 -11.56 -3.85 26.79
N ASN A 433 -12.20 -4.99 26.54
CA ASN A 433 -12.41 -5.99 27.60
C ASN A 433 -11.15 -6.70 28.03
N GLY A 434 -10.22 -6.95 27.12
CA GLY A 434 -8.98 -7.54 27.51
C GLY A 434 -7.91 -6.57 27.92
N SER A 435 -8.21 -5.29 28.17
CA SER A 435 -7.12 -4.35 28.52
C SER A 435 -6.60 -4.53 29.94
N ASN A 436 -7.46 -4.94 30.88
CA ASN A 436 -6.98 -4.99 32.28
C ASN A 436 -6.59 -3.54 32.65
N LEU A 437 -7.50 -2.63 32.25
CA LEU A 437 -7.54 -1.24 32.71
C LEU A 437 -8.94 -1.01 33.22
N PRO A 438 -9.09 -0.02 34.11
CA PRO A 438 -10.40 0.29 34.60
C PRO A 438 -11.31 0.82 33.51
N ALA A 439 -12.60 0.54 33.64
CA ALA A 439 -13.58 1.01 32.68
C ALA A 439 -13.62 2.54 32.48
N TYR A 440 -13.31 3.32 33.51
CA TYR A 440 -13.45 4.79 33.36
C TYR A 440 -12.31 5.43 32.51
N PHE A 441 -11.35 4.64 32.06
CA PHE A 441 -10.33 5.14 31.16
C PHE A 441 -10.87 5.20 29.72
N PHE A 442 -12.16 4.80 29.59
CA PHE A 442 -12.89 4.76 28.36
C PHE A 442 -14.22 5.48 28.40
N LYS A 443 -14.67 5.83 27.20
CA LYS A 443 -16.03 6.26 26.94
C LYS A 443 -16.62 5.38 25.82
N GLU A 444 -17.83 4.93 26.03
CA GLU A 444 -18.52 4.18 25.00
C GLU A 444 -19.01 5.19 23.89
N LEU A 445 -18.81 4.91 22.61
CA LEU A 445 -19.11 5.88 21.50
C LEU A 445 -20.40 5.62 20.77
N PRO A 446 -20.99 6.65 20.13
CA PRO A 446 -22.03 6.48 19.11
C PRO A 446 -21.68 5.43 18.06
N LYS A 447 -22.58 4.50 17.76
CA LYS A 447 -22.35 3.52 16.67
C LYS A 447 -22.58 4.23 15.34
N LYS A 448 -21.54 4.32 14.53
CA LYS A 448 -21.54 4.93 13.20
C LYS A 448 -21.60 3.86 12.15
N VAL A 449 -22.17 4.14 11.00
CA VAL A 449 -22.17 3.14 9.91
C VAL A 449 -20.88 3.43 9.10
N MET A 450 -20.03 2.42 8.88
CA MET A 450 -18.67 2.57 8.29
C MET A 450 -18.45 1.63 7.05
N LYS A 451 -17.98 2.20 5.91
CA LYS A 451 -17.65 1.46 4.63
C LYS A 451 -16.71 0.28 4.84
N GLY A 452 -17.27 -0.93 4.69
CA GLY A 452 -16.52 -2.19 4.70
C GLY A 452 -16.84 -3.04 5.92
N VAL A 453 -17.42 -2.39 6.90
CA VAL A 453 -17.64 -2.96 8.21
C VAL A 453 -19.04 -3.38 8.59
N ALA A 454 -19.19 -4.64 8.98
CA ALA A 454 -20.48 -5.12 9.36
C ALA A 454 -20.43 -5.52 10.81
N ASP A 455 -21.24 -4.87 11.63
CA ASP A 455 -21.21 -5.14 13.04
C ASP A 455 -19.87 -5.28 13.70
N SER A 456 -19.21 -4.14 13.67
CA SER A 456 -17.93 -3.91 14.24
C SER A 456 -18.02 -4.25 15.71
N GLY A 457 -19.16 -3.94 16.29
CA GLY A 457 -19.41 -4.20 17.69
C GLY A 457 -19.29 -2.90 18.41
N PRO A 458 -19.37 -2.95 19.79
CA PRO A 458 -19.25 -1.64 20.43
C PRO A 458 -17.86 -1.08 20.36
N LEU A 459 -17.80 0.18 20.02
CA LEU A 459 -16.60 0.96 20.03
C LEU A 459 -16.45 1.90 21.23
N TYR A 460 -15.19 2.17 21.58
CA TYR A 460 -14.83 2.95 22.78
C TYR A 460 -13.81 4.00 22.49
N GLN A 461 -13.87 5.14 23.18
CA GLN A 461 -12.78 6.09 23.13
C GLN A 461 -11.82 5.74 24.27
N TYR A 462 -10.51 5.74 24.06
CA TYR A 462 -9.58 5.66 25.16
C TYR A 462 -9.42 7.08 25.68
N TRP A 463 -10.13 7.36 26.75
CA TRP A 463 -10.06 8.67 27.42
C TRP A 463 -8.73 8.87 28.16
N GLY A 464 -8.15 7.77 28.67
CA GLY A 464 -6.90 7.83 29.44
C GLY A 464 -7.15 7.98 30.93
N ARG A 465 -6.08 8.04 31.69
CA ARG A 465 -6.12 7.94 33.17
C ARG A 465 -6.91 9.10 33.85
N THR A 466 -6.57 10.36 33.57
CA THR A 466 -7.22 11.48 34.26
C THR A 466 -8.49 11.89 33.58
N GLU A 467 -9.21 12.79 34.26
CA GLU A 467 -10.41 13.42 33.73
C GLU A 467 -10.04 14.42 32.65
N LYS A 468 -8.85 15.04 32.84
CA LYS A 468 -8.05 15.81 31.84
C LYS A 468 -8.26 17.31 32.07
OAA B1T B . -0.16 4.59 0.66
CAP B1T B . -0.59 5.04 -0.54
CAN B1T B . 0.36 5.74 -1.47
CLAE B1T B . 2.13 5.99 -1.05
CAG B1T B . -0.15 6.14 -2.71
CAL B1T B . -1.50 5.92 -3.06
CLAC B1T B . -2.19 6.42 -4.65
CAI B1T B . -2.39 5.29 -2.22
CAR B1T B . -2.01 4.85 -0.97
SAK B1T B . -3.22 4.11 -0.06
CAS B1T B . -3.09 2.49 -0.51
CAJ B1T B . -2.10 1.98 -1.36
CAM B1T B . -2.10 0.61 -1.67
CLAD B1T B . -0.86 -0.05 -2.77
CAH B1T B . -3.01 -0.27 -1.15
CAO B1T B . -4.02 0.16 -0.29
CLAF B1T B . -5.20 -1.02 0.36
CAQ B1T B . -4.09 1.60 0.09
OAB B1T B . -5.05 2.11 0.94
C ACT C . -5.46 -0.78 4.88
O ACT C . -6.48 -1.04 5.58
OXT ACT C . -4.40 -1.42 4.99
CH3 ACT C . -5.56 0.31 3.86
C1 EDO D . 5.31 -16.47 -10.80
O1 EDO D . 4.12 -16.68 -10.04
C2 EDO D . 6.24 -16.10 -9.72
O2 EDO D . 5.50 -15.40 -8.73
C1 EDO E . -11.14 -12.48 9.37
O1 EDO E . -10.63 -11.52 8.45
C2 EDO E . -9.96 -13.16 10.05
O2 EDO E . -8.77 -12.95 9.27
C1 EDO F . 10.01 -1.75 8.59
O1 EDO F . 9.49 -1.92 7.26
C2 EDO F . 11.44 -1.25 8.49
O2 EDO F . 11.57 -0.41 7.33
C1 EDO G . 11.72 12.53 -14.18
O1 EDO G . 12.29 11.24 -14.00
C2 EDO G . 10.38 12.32 -14.86
O2 EDO G . 9.37 13.22 -14.40
C1 EDO H . -14.35 10.11 -26.36
O1 EDO H . -15.56 9.35 -26.36
C2 EDO H . -13.65 10.06 -27.71
O2 EDO H . -12.28 10.50 -27.55
C1 EDO I . 11.31 -7.67 -23.25
O1 EDO I . 11.70 -6.84 -24.37
C2 EDO I . 11.73 -7.04 -21.91
O2 EDO I . 10.73 -7.29 -20.88
S DMS J . -4.80 -14.88 -13.60
O DMS J . -4.09 -16.04 -12.99
C1 DMS J . -4.45 -14.87 -15.28
C2 DMS J . -6.47 -15.23 -13.62
S DMS K . 18.72 4.65 -2.63
O DMS K . 18.30 4.60 -4.00
C1 DMS K . 19.18 6.19 -2.33
C2 DMS K . 17.37 4.35 -1.60
S DMS L . 9.66 -0.17 14.46
O DMS L . 10.70 -1.08 13.91
C1 DMS L . 10.05 0.26 16.08
C2 DMS L . 9.66 1.36 13.70
C1 GOL M . 15.86 -3.06 9.20
O1 GOL M . 15.16 -2.70 8.02
C2 GOL M . 17.39 -2.82 9.25
O2 GOL M . 17.93 -1.80 8.45
C3 GOL M . 17.87 -2.36 10.64
O3 GOL M . 18.45 -3.45 11.37
C1 GOL N . 13.57 5.31 -11.71
O1 GOL N . 14.55 5.42 -10.66
C2 GOL N . 12.26 5.13 -11.00
O2 GOL N . 12.03 6.43 -10.45
C3 GOL N . 11.08 4.58 -11.83
O3 GOL N . 9.91 4.36 -10.98
#